data_6UY4
#
_entry.id   6UY4
#
_cell.length_a   187.981
_cell.length_b   187.981
_cell.length_c   187.981
_cell.angle_alpha   90.000
_cell.angle_beta   90.000
_cell.angle_gamma   90.000
#
_symmetry.space_group_name_H-M   'I 4 3 2'
#
loop_
_entity.id
_entity.type
_entity.pdbx_description
1 polymer 'Dihydroorotate dehydrogenase'
2 non-polymer 2-[(4-fluorophenyl)amino]-3-hydroxynaphthalene-1,4-dione
3 non-polymer GLYCEROL
4 non-polymer 'FLAVIN MONONUCLEOTIDE'
5 water water
#
_entity_poly.entity_id   1
_entity_poly.type   'polypeptide(L)'
_entity_poly.pdbx_seq_one_letter_code
;MSRIRTSLEVLSLGFGLFTAEALYSGNEHFYKDWFLPTARLLVRDGETAHNLSVYLASYGFIPHKQRNSFPQLKCKVFGL
EFDHPIGLAAGFDKDGKAFMGLLNAGFSHIEVGTVTPNPQLGNARPRIFRWTEKEAVVNRCGFNSDGHDAVYERLKDRPW
EGRGVIGVNLGCNKTSADPTADYVAGVRKFGEVADYLVINVSSPNTPGLRSLQTKEKLRDLLSKVLAARNQLSKKTPILL
KISPDENDQNLKDIVEVALDSKTRIDGMIISNTTLTTYEEAVACGAAPIPGNNKQNVVYGGLSGRPLFEKSTDCLRKVSA
LTKGAIPLIGVGGISCGEDALSKLNAGASLVQLYTSFVYQGPPVAHKVAREINKLKMTS
;
_entity_poly.pdbx_strand_id   A
#
loop_
_chem_comp.id
_chem_comp.type
_chem_comp.name
_chem_comp.formula
FMN non-polymer 'FLAVIN MONONUCLEOTIDE' 'C17 H21 N4 O9 P'
GOL non-polymer GLYCEROL 'C3 H8 O3'
QLA non-polymer 2-[(4-fluorophenyl)amino]-3-hydroxynaphthalene-1,4-dione 'C16 H10 F N O3'
#
# COMPACT_ATOMS: atom_id res chain seq x y z
N SER A 25 7.37 3.78 26.22
CA SER A 25 6.27 3.36 25.37
C SER A 25 4.93 3.70 25.99
N GLY A 26 4.61 3.06 27.10
CA GLY A 26 3.35 3.29 27.79
C GLY A 26 2.25 2.37 27.27
N ASN A 27 1.18 2.96 26.73
CA ASN A 27 0.10 2.18 26.16
C ASN A 27 0.48 1.50 24.85
N GLU A 28 1.68 1.74 24.34
CA GLU A 28 2.15 1.14 23.10
C GLU A 28 2.79 -0.22 23.33
N HIS A 29 3.53 -0.38 24.44
CA HIS A 29 4.13 -1.67 24.75
C HIS A 29 3.09 -2.73 25.09
N PHE A 30 1.87 -2.31 25.45
CA PHE A 30 0.84 -3.28 25.80
C PHE A 30 0.44 -4.16 24.61
N TYR A 31 0.55 -3.62 23.40
CA TYR A 31 0.25 -4.38 22.19
C TYR A 31 1.44 -5.18 21.70
N LYS A 32 2.60 -4.53 21.54
CA LYS A 32 3.77 -5.20 20.98
C LYS A 32 4.29 -6.31 21.89
N ASP A 33 4.01 -6.23 23.19
CA ASP A 33 4.59 -7.18 24.15
C ASP A 33 3.57 -8.07 24.84
N TRP A 34 2.30 -7.65 24.95
CA TRP A 34 1.33 -8.41 25.72
C TRP A 34 0.15 -8.87 24.86
N PHE A 35 -0.54 -7.96 24.17
CA PHE A 35 -1.78 -8.32 23.49
C PHE A 35 -1.49 -9.13 22.23
N LEU A 36 -0.71 -8.57 21.31
CA LEU A 36 -0.52 -9.20 20.01
C LEU A 36 0.17 -10.56 20.09
N PRO A 37 1.22 -10.78 20.90
CA PRO A 37 1.77 -12.14 21.00
C PRO A 37 0.77 -13.18 21.45
N THR A 38 -0.10 -12.85 22.42
CA THR A 38 -1.12 -13.79 22.84
C THR A 38 -2.13 -14.03 21.73
N ALA A 39 -2.48 -12.98 20.98
CA ALA A 39 -3.40 -13.14 19.86
C ALA A 39 -2.82 -14.04 18.79
N ARG A 40 -1.52 -13.89 18.50
CA ARG A 40 -0.87 -14.76 17.53
C ARG A 40 -0.81 -16.21 18.03
N LEU A 41 -0.74 -16.39 19.35
CA LEU A 41 -0.79 -17.75 19.91
C LEU A 41 -2.18 -18.35 19.73
N LEU A 42 -3.22 -17.53 19.90
CA LEU A 42 -4.59 -18.02 19.71
C LEU A 42 -4.90 -18.25 18.24
N VAL A 43 -4.85 -17.18 17.44
CA VAL A 43 -5.12 -17.25 16.01
C VAL A 43 -3.78 -17.52 15.31
N ARG A 44 -3.52 -18.79 15.00
CA ARG A 44 -2.24 -19.15 14.37
C ARG A 44 -2.19 -18.72 12.91
N ASP A 45 -3.32 -18.75 12.21
CA ASP A 45 -3.35 -18.38 10.80
C ASP A 45 -3.39 -16.85 10.66
N GLY A 46 -2.57 -16.35 9.74
CA GLY A 46 -2.44 -14.90 9.60
C GLY A 46 -3.66 -14.24 8.97
N GLU A 47 -4.20 -14.84 7.92
CA GLU A 47 -5.35 -14.24 7.24
C GLU A 47 -6.60 -14.26 8.13
N THR A 48 -6.72 -15.26 8.99
CA THR A 48 -7.85 -15.31 9.93
C THR A 48 -7.79 -14.13 10.89
N ALA A 49 -6.60 -13.85 11.45
CA ALA A 49 -6.45 -12.69 12.31
C ALA A 49 -6.66 -11.40 11.54
N HIS A 50 -6.32 -11.38 10.25
CA HIS A 50 -6.57 -10.20 9.43
C HIS A 50 -8.05 -9.95 9.28
N ASN A 51 -8.82 -11.00 8.96
CA ASN A 51 -10.27 -10.84 8.83
C ASN A 51 -10.89 -10.40 10.16
N LEU A 52 -10.35 -10.89 11.28
CA LEU A 52 -10.92 -10.56 12.57
C LEU A 52 -10.69 -9.10 12.93
N SER A 53 -9.49 -8.58 12.67
CA SER A 53 -9.20 -7.18 12.99
C SER A 53 -9.97 -6.23 12.09
N VAL A 54 -10.15 -6.60 10.81
CA VAL A 54 -11.00 -5.80 9.93
C VAL A 54 -12.45 -5.81 10.44
N TYR A 55 -12.90 -6.97 10.92
CA TYR A 55 -14.25 -7.07 11.49
C TYR A 55 -14.38 -6.16 12.71
N LEU A 56 -13.34 -6.06 13.53
CA LEU A 56 -13.41 -5.22 14.72
C LEU A 56 -13.38 -3.75 14.34
N ALA A 57 -12.48 -3.35 13.43
CA ALA A 57 -12.36 -1.96 13.05
C ALA A 57 -13.58 -1.46 12.28
N SER A 58 -14.36 -2.37 11.68
CA SER A 58 -15.55 -1.95 10.95
C SER A 58 -16.66 -1.51 11.89
N TYR A 59 -16.69 -2.03 13.12
CA TYR A 59 -17.71 -1.69 14.10
C TYR A 59 -17.26 -0.65 15.11
N GLY A 60 -16.02 -0.17 15.00
CA GLY A 60 -15.50 0.85 15.90
C GLY A 60 -14.69 0.33 17.06
N PHE A 61 -14.66 -0.99 17.27
CA PHE A 61 -13.87 -1.59 18.35
C PHE A 61 -12.39 -1.42 18.03
N ILE A 62 -11.90 -0.19 18.25
CA ILE A 62 -10.52 0.15 17.95
C ILE A 62 -10.18 1.44 18.70
N PRO A 63 -9.00 1.55 19.31
CA PRO A 63 -8.64 2.78 20.03
C PRO A 63 -8.59 3.98 19.08
N HIS A 64 -9.38 5.00 19.41
CA HIS A 64 -9.40 6.23 18.63
C HIS A 64 -8.28 7.16 19.07
N LYS A 65 -7.95 8.11 18.19
CA LYS A 65 -6.92 9.10 18.46
C LYS A 65 -7.39 10.46 17.97
N GLN A 66 -7.02 11.51 18.71
CA GLN A 66 -7.43 12.86 18.37
C GLN A 66 -6.61 13.40 17.21
N ARG A 67 -7.31 14.04 16.27
CA ARG A 67 -6.64 14.73 15.19
C ARG A 67 -6.10 16.08 15.66
N ASN A 68 -5.36 16.75 14.77
CA ASN A 68 -4.69 18.01 15.07
C ASN A 68 -3.72 17.89 16.24
N SER A 69 -3.27 16.68 16.54
CA SER A 69 -2.36 16.45 17.66
C SER A 69 -0.91 16.73 17.32
N PHE A 70 -0.59 16.97 16.05
CA PHE A 70 0.79 17.24 15.61
C PHE A 70 0.74 18.44 14.67
N PRO A 71 0.73 19.65 15.21
CA PRO A 71 0.66 20.84 14.35
C PRO A 71 1.85 21.01 13.44
N GLN A 72 3.04 20.60 13.88
CA GLN A 72 4.24 20.75 13.07
C GLN A 72 4.35 19.70 11.97
N LEU A 73 3.46 18.70 11.95
CA LEU A 73 3.51 17.64 10.96
C LEU A 73 2.41 17.73 9.92
N LYS A 74 1.49 18.70 10.03
CA LYS A 74 0.48 18.88 9.01
C LYS A 74 1.14 19.26 7.69
N CYS A 75 0.65 18.65 6.61
CA CYS A 75 1.22 18.86 5.28
C CYS A 75 0.10 18.96 4.25
N LYS A 76 0.48 19.40 3.06
CA LYS A 76 -0.44 19.56 1.93
C LYS A 76 0.16 18.85 0.72
N VAL A 77 -0.47 17.75 0.31
CA VAL A 77 -0.03 16.97 -0.85
C VAL A 77 -1.22 16.85 -1.80
N PHE A 78 -0.97 17.09 -3.09
CA PHE A 78 -2.03 17.12 -4.11
C PHE A 78 -3.14 18.11 -3.74
N GLY A 79 -2.77 19.20 -3.05
CA GLY A 79 -3.75 20.15 -2.59
C GLY A 79 -4.65 19.67 -1.48
N LEU A 80 -4.32 18.54 -0.85
CA LEU A 80 -5.13 17.96 0.21
C LEU A 80 -4.43 18.13 1.55
N GLU A 81 -5.22 18.41 2.58
CA GLU A 81 -4.68 18.63 3.93
C GLU A 81 -4.53 17.27 4.63
N PHE A 82 -3.33 17.00 5.12
CA PHE A 82 -3.04 15.77 5.85
C PHE A 82 -2.69 16.11 7.29
N ASP A 83 -3.28 15.38 8.23
CA ASP A 83 -2.96 15.57 9.64
C ASP A 83 -1.49 15.26 9.91
N HIS A 84 -0.93 14.29 9.19
CA HIS A 84 0.48 13.92 9.28
C HIS A 84 0.80 13.02 8.10
N PRO A 85 2.08 12.90 7.71
CA PRO A 85 2.42 12.15 6.50
C PRO A 85 2.24 10.65 6.60
N ILE A 86 1.75 10.11 7.72
CA ILE A 86 1.69 8.68 7.95
C ILE A 86 0.29 8.16 7.64
N GLY A 87 0.20 7.17 6.76
CA GLY A 87 -1.05 6.55 6.42
C GLY A 87 -0.91 5.04 6.32
N LEU A 88 -2.04 4.37 6.08
CA LEU A 88 -2.07 2.92 5.96
C LEU A 88 -2.00 2.52 4.50
N ALA A 89 -1.05 1.65 4.18
CA ALA A 89 -0.84 1.23 2.80
C ALA A 89 -2.00 0.34 2.33
N ALA A 90 -2.02 0.08 1.03
CA ALA A 90 -3.06 -0.74 0.44
C ALA A 90 -2.90 -2.19 0.86
N GLY A 91 -4.01 -2.94 0.77
CA GLY A 91 -4.03 -4.34 1.05
C GLY A 91 -4.63 -4.72 2.39
N PHE A 92 -4.76 -3.75 3.31
CA PHE A 92 -5.37 -4.03 4.60
C PHE A 92 -6.89 -3.92 4.52
N ASP A 93 -7.38 -2.73 4.13
CA ASP A 93 -8.80 -2.53 3.88
C ASP A 93 -9.07 -2.73 2.38
N LYS A 94 -9.01 -3.99 1.97
CA LYS A 94 -9.16 -4.32 0.55
C LYS A 94 -10.54 -3.95 0.03
N ASP A 95 -11.57 -4.01 0.88
CA ASP A 95 -12.95 -3.84 0.45
C ASP A 95 -13.59 -2.56 1.01
N GLY A 96 -12.82 -1.71 1.68
CA GLY A 96 -13.37 -0.49 2.22
C GLY A 96 -14.38 -0.69 3.33
N LYS A 97 -14.17 -1.70 4.17
CA LYS A 97 -15.10 -2.01 5.25
C LYS A 97 -14.75 -1.34 6.57
N ALA A 98 -13.50 -0.89 6.75
CA ALA A 98 -13.08 -0.36 8.04
C ALA A 98 -12.19 0.87 7.93
N PHE A 99 -12.29 1.64 6.85
CA PHE A 99 -11.41 2.80 6.70
C PHE A 99 -11.76 3.91 7.69
N MET A 100 -13.02 3.98 8.12
CA MET A 100 -13.42 5.01 9.08
C MET A 100 -12.76 4.78 10.44
N GLY A 101 -12.84 3.54 10.95
CA GLY A 101 -12.19 3.24 12.21
C GLY A 101 -10.68 3.36 12.16
N LEU A 102 -10.08 3.06 10.99
CA LEU A 102 -8.64 3.19 10.84
C LEU A 102 -8.22 4.65 10.76
N LEU A 103 -9.04 5.51 10.16
CA LEU A 103 -8.75 6.94 10.20
C LEU A 103 -8.84 7.49 11.62
N ASN A 104 -9.86 7.05 12.36
CA ASN A 104 -9.96 7.43 13.77
C ASN A 104 -8.86 6.81 14.62
N ALA A 105 -8.23 5.73 14.14
CA ALA A 105 -7.20 5.06 14.92
C ALA A 105 -5.92 5.88 14.97
N GLY A 106 -5.66 6.71 13.98
CA GLY A 106 -4.47 7.54 13.99
C GLY A 106 -3.88 7.79 12.61
N PHE A 107 -4.17 6.93 11.65
CA PHE A 107 -3.67 7.12 10.30
C PHE A 107 -4.31 8.34 9.66
N SER A 108 -3.50 9.11 8.93
CA SER A 108 -4.03 10.30 8.26
C SER A 108 -4.69 9.97 6.93
N HIS A 109 -4.34 8.85 6.30
CA HIS A 109 -5.01 8.45 5.08
C HIS A 109 -4.99 6.92 4.96
N ILE A 110 -6.04 6.39 4.37
CA ILE A 110 -6.18 4.96 4.12
C ILE A 110 -6.26 4.73 2.62
N GLU A 111 -5.53 3.73 2.13
CA GLU A 111 -5.52 3.39 0.72
C GLU A 111 -6.34 2.11 0.55
N VAL A 112 -7.63 2.28 0.25
CA VAL A 112 -8.50 1.14 0.00
C VAL A 112 -8.06 0.45 -1.28
N GLY A 113 -8.04 -0.88 -1.25
CA GLY A 113 -7.60 -1.66 -2.39
C GLY A 113 -6.75 -2.84 -1.98
N THR A 114 -6.29 -3.65 -2.94
CA THR A 114 -6.54 -3.42 -4.36
C THR A 114 -7.90 -3.94 -4.80
N VAL A 115 -8.64 -3.13 -5.56
CA VAL A 115 -9.98 -3.45 -6.03
C VAL A 115 -9.90 -3.81 -7.50
N THR A 116 -10.51 -4.95 -7.85
CA THR A 116 -10.64 -5.43 -9.22
C THR A 116 -12.05 -5.16 -9.74
N PRO A 117 -12.25 -5.11 -11.06
CA PRO A 117 -13.60 -4.89 -11.60
C PRO A 117 -14.61 -5.92 -11.15
N ASN A 118 -14.33 -7.20 -11.42
CA ASN A 118 -15.23 -8.26 -10.98
C ASN A 118 -14.77 -8.81 -9.62
N PRO A 119 -15.69 -9.31 -8.81
CA PRO A 119 -15.29 -9.96 -7.55
C PRO A 119 -14.37 -11.14 -7.83
N GLN A 120 -13.28 -11.20 -7.08
CA GLN A 120 -12.21 -12.16 -7.33
C GLN A 120 -11.89 -12.94 -6.07
N LEU A 121 -11.56 -14.22 -6.22
CA LEU A 121 -11.27 -15.06 -5.07
C LEU A 121 -9.81 -14.93 -4.63
N GLY A 122 -8.89 -14.90 -5.59
CA GLY A 122 -7.47 -14.83 -5.28
C GLY A 122 -6.82 -16.19 -5.29
N ASN A 123 -5.56 -16.21 -4.88
CA ASN A 123 -4.80 -17.44 -4.84
C ASN A 123 -5.26 -18.33 -3.69
N ALA A 124 -4.86 -19.60 -3.75
CA ALA A 124 -5.28 -20.57 -2.75
C ALA A 124 -4.67 -20.26 -1.39
N ARG A 125 -5.40 -20.63 -0.32
CA ARG A 125 -5.03 -20.45 1.07
C ARG A 125 -4.39 -21.72 1.62
N PRO A 126 -3.45 -21.61 2.57
CA PRO A 126 -2.94 -20.37 3.19
C PRO A 126 -2.05 -19.55 2.26
N ARG A 127 -2.24 -18.23 2.29
CA ARG A 127 -1.49 -17.31 1.46
C ARG A 127 -0.86 -16.17 2.25
N ILE A 128 -0.83 -16.27 3.58
CA ILE A 128 -0.23 -15.27 4.44
C ILE A 128 0.55 -15.98 5.54
N PHE A 129 1.80 -15.57 5.75
CA PHE A 129 2.66 -16.23 6.72
C PHE A 129 3.44 -15.18 7.51
N ARG A 130 3.49 -15.36 8.82
CA ARG A 130 4.22 -14.43 9.69
C ARG A 130 5.67 -14.88 9.82
N TRP A 131 6.57 -13.90 9.83
CA TRP A 131 7.99 -14.11 10.14
C TRP A 131 8.32 -13.23 11.33
N THR A 132 7.87 -13.66 12.51
CA THR A 132 7.95 -12.82 13.70
C THR A 132 9.40 -12.58 14.13
N GLU A 133 10.31 -13.50 13.80
CA GLU A 133 11.70 -13.34 14.19
C GLU A 133 12.32 -12.09 13.57
N LYS A 134 11.79 -11.63 12.44
CA LYS A 134 12.28 -10.43 11.77
C LYS A 134 11.22 -9.35 11.65
N GLU A 135 10.07 -9.52 12.32
CA GLU A 135 8.94 -8.60 12.19
C GLU A 135 8.56 -8.40 10.73
N ALA A 136 8.40 -9.51 10.02
CA ALA A 136 8.15 -9.52 8.60
C ALA A 136 6.95 -10.39 8.28
N VAL A 137 6.41 -10.22 7.07
CA VAL A 137 5.28 -10.99 6.57
C VAL A 137 5.55 -11.37 5.11
N VAL A 138 5.25 -12.61 4.77
CA VAL A 138 5.31 -13.09 3.39
C VAL A 138 3.90 -13.44 2.96
N ASN A 139 3.43 -12.84 1.87
CA ASN A 139 2.06 -13.02 1.40
C ASN A 139 2.03 -13.26 -0.10
N ARG A 140 1.03 -14.02 -0.54
CA ARG A 140 0.76 -14.25 -1.95
C ARG A 140 -0.76 -14.28 -2.15
N CYS A 141 -1.43 -13.20 -1.74
CA CYS A 141 -2.89 -13.16 -1.76
C CYS A 141 -3.41 -13.25 -3.20
N GLY A 142 -2.91 -12.41 -4.09
CA GLY A 142 -3.32 -12.46 -5.48
C GLY A 142 -4.56 -11.67 -5.79
N PHE A 143 -4.70 -10.50 -5.15
CA PHE A 143 -5.81 -9.57 -5.41
C PHE A 143 -7.16 -10.24 -5.16
N ASN A 144 -7.47 -10.42 -3.88
CA ASN A 144 -8.79 -10.89 -3.47
C ASN A 144 -9.65 -9.68 -3.14
N SER A 145 -10.62 -9.40 -4.01
CA SER A 145 -11.42 -8.19 -3.87
C SER A 145 -12.90 -8.53 -4.09
N ASP A 146 -13.76 -7.65 -3.60
CA ASP A 146 -15.20 -7.81 -3.73
C ASP A 146 -15.75 -7.18 -5.01
N GLY A 147 -14.90 -6.63 -5.87
CA GLY A 147 -15.33 -6.03 -7.10
C GLY A 147 -15.52 -4.52 -6.97
N HIS A 148 -15.69 -3.88 -8.14
CA HIS A 148 -15.87 -2.43 -8.17
C HIS A 148 -17.14 -2.01 -7.45
N ASP A 149 -18.26 -2.69 -7.75
CA ASP A 149 -19.55 -2.24 -7.26
C ASP A 149 -19.67 -2.36 -5.75
N ALA A 150 -19.20 -3.49 -5.18
CA ALA A 150 -19.33 -3.69 -3.75
C ALA A 150 -18.49 -2.68 -2.97
N VAL A 151 -17.27 -2.40 -3.44
CA VAL A 151 -16.42 -1.45 -2.74
C VAL A 151 -16.89 -0.01 -2.99
N TYR A 152 -17.43 0.27 -4.17
CA TYR A 152 -17.91 1.61 -4.46
C TYR A 152 -19.13 1.97 -3.61
N GLU A 153 -19.98 0.99 -3.28
CA GLU A 153 -21.12 1.25 -2.42
C GLU A 153 -20.69 1.66 -1.02
N ARG A 154 -19.48 1.30 -0.60
CA ARG A 154 -18.97 1.67 0.71
C ARG A 154 -18.20 2.99 0.71
N LEU A 155 -17.98 3.59 -0.46
CA LEU A 155 -17.21 4.82 -0.56
C LEU A 155 -17.95 5.95 -1.26
N LYS A 156 -19.21 5.76 -1.64
CA LYS A 156 -19.88 6.73 -2.50
C LYS A 156 -20.21 8.02 -1.77
N ASP A 157 -20.65 7.92 -0.51
CA ASP A 157 -21.09 9.09 0.23
C ASP A 157 -19.93 9.93 0.78
N ARG A 158 -18.70 9.47 0.64
CA ARG A 158 -17.53 10.13 1.20
C ARG A 158 -17.71 10.47 2.67
N PRO A 159 -17.90 9.46 3.54
CA PRO A 159 -18.12 9.75 4.96
C PRO A 159 -16.89 10.26 5.68
N TRP A 160 -15.71 10.14 5.07
CA TRP A 160 -14.45 10.60 5.67
C TRP A 160 -14.20 12.08 5.45
N GLU A 161 -15.16 12.81 4.88
CA GLU A 161 -14.96 14.22 4.55
C GLU A 161 -14.57 15.00 5.80
N GLY A 162 -13.41 15.67 5.73
CA GLY A 162 -12.89 16.42 6.85
C GLY A 162 -12.25 15.59 7.94
N ARG A 163 -12.28 14.26 7.84
CA ARG A 163 -11.70 13.38 8.84
C ARG A 163 -10.46 12.65 8.34
N GLY A 164 -10.03 12.90 7.11
CA GLY A 164 -8.85 12.25 6.57
C GLY A 164 -8.95 12.15 5.05
N VAL A 165 -8.02 11.39 4.49
CA VAL A 165 -7.91 11.21 3.04
C VAL A 165 -8.08 9.71 2.74
N ILE A 166 -8.76 9.42 1.65
CA ILE A 166 -8.97 8.04 1.21
C ILE A 166 -8.55 7.91 -0.24
N GLY A 167 -7.64 6.98 -0.51
CA GLY A 167 -7.26 6.66 -1.87
C GLY A 167 -7.72 5.27 -2.26
N VAL A 168 -7.82 5.00 -3.56
CA VAL A 168 -8.26 3.71 -4.06
C VAL A 168 -7.17 3.15 -4.97
N ASN A 169 -6.76 1.91 -4.69
CA ASN A 169 -5.76 1.22 -5.48
C ASN A 169 -6.45 0.28 -6.46
N LEU A 170 -6.29 0.56 -7.76
CA LEU A 170 -7.01 -0.16 -8.79
C LEU A 170 -6.19 -1.33 -9.32
N GLY A 171 -6.88 -2.43 -9.65
CA GLY A 171 -6.23 -3.60 -10.19
C GLY A 171 -7.08 -4.23 -11.28
N CYS A 172 -6.56 -5.32 -11.83
CA CYS A 172 -7.24 -6.06 -12.89
C CYS A 172 -7.54 -7.48 -12.43
N ASN A 173 -8.54 -8.10 -13.06
CA ASN A 173 -8.89 -9.46 -12.75
C ASN A 173 -7.86 -10.43 -13.32
N LYS A 174 -7.85 -11.65 -12.77
CA LYS A 174 -6.92 -12.67 -13.24
C LYS A 174 -7.27 -13.13 -14.64
N THR A 175 -8.55 -13.33 -14.91
CA THR A 175 -9.04 -13.79 -16.20
C THR A 175 -9.35 -12.65 -17.15
N SER A 176 -8.74 -11.49 -16.96
CA SER A 176 -9.07 -10.31 -17.76
C SER A 176 -8.49 -10.43 -19.17
N ALA A 177 -9.26 -10.00 -20.15
CA ALA A 177 -8.77 -9.97 -21.53
C ALA A 177 -7.81 -8.80 -21.74
N ASP A 178 -8.29 -7.57 -21.49
CA ASP A 178 -7.45 -6.39 -21.59
C ASP A 178 -7.25 -5.79 -20.20
N PRO A 179 -6.10 -5.99 -19.56
CA PRO A 179 -5.90 -5.44 -18.21
C PRO A 179 -5.97 -3.92 -18.16
N THR A 180 -5.48 -3.24 -19.20
CA THR A 180 -5.54 -1.78 -19.22
C THR A 180 -6.98 -1.30 -19.21
N ALA A 181 -7.90 -2.06 -19.82
CA ALA A 181 -9.32 -1.71 -19.75
C ALA A 181 -9.84 -1.81 -18.33
N ASP A 182 -9.33 -2.77 -17.55
CA ASP A 182 -9.74 -2.89 -16.15
C ASP A 182 -9.27 -1.69 -15.34
N TYR A 183 -8.04 -1.23 -15.58
CA TYR A 183 -7.55 -0.04 -14.89
C TYR A 183 -8.33 1.20 -15.28
N VAL A 184 -8.69 1.32 -16.57
CA VAL A 184 -9.48 2.45 -17.03
C VAL A 184 -10.87 2.42 -16.39
N ALA A 185 -11.47 1.22 -16.31
CA ALA A 185 -12.77 1.10 -15.67
C ALA A 185 -12.71 1.50 -14.20
N GLY A 186 -11.61 1.17 -13.53
CA GLY A 186 -11.45 1.59 -12.15
C GLY A 186 -11.31 3.09 -12.00
N VAL A 187 -10.58 3.73 -12.92
CA VAL A 187 -10.45 5.19 -12.89
C VAL A 187 -11.80 5.85 -13.06
N ARG A 188 -12.62 5.31 -13.96
CA ARG A 188 -13.95 5.88 -14.17
C ARG A 188 -14.89 5.57 -13.02
N LYS A 189 -14.65 4.46 -12.31
CA LYS A 189 -15.58 4.04 -11.26
C LYS A 189 -15.36 4.83 -9.97
N PHE A 190 -14.10 5.02 -9.58
CA PHE A 190 -13.77 5.65 -8.30
C PHE A 190 -13.20 7.06 -8.44
N GLY A 191 -13.07 7.56 -9.67
CA GLY A 191 -12.45 8.87 -9.86
C GLY A 191 -13.22 10.03 -9.28
N GLU A 192 -14.53 9.85 -9.05
CA GLU A 192 -15.35 10.93 -8.52
C GLU A 192 -15.41 10.96 -7.00
N VAL A 193 -15.23 9.81 -6.35
CA VAL A 193 -15.37 9.73 -4.90
C VAL A 193 -14.02 9.62 -4.19
N ALA A 194 -12.97 9.14 -4.84
CA ALA A 194 -11.68 8.97 -4.20
C ALA A 194 -10.86 10.26 -4.24
N ASP A 195 -10.05 10.45 -3.20
CA ASP A 195 -9.15 11.60 -3.18
C ASP A 195 -7.98 11.40 -4.13
N TYR A 196 -7.51 10.16 -4.28
CA TYR A 196 -6.47 9.85 -5.25
C TYR A 196 -6.62 8.40 -5.67
N LEU A 197 -6.08 8.09 -6.84
CA LEU A 197 -6.12 6.75 -7.41
C LEU A 197 -4.69 6.24 -7.62
N VAL A 198 -4.51 4.94 -7.45
CA VAL A 198 -3.20 4.30 -7.56
C VAL A 198 -3.32 3.13 -8.54
N ILE A 199 -2.27 2.93 -9.34
CA ILE A 199 -2.17 1.80 -10.25
C ILE A 199 -0.83 1.11 -9.99
N ASN A 200 -0.88 -0.21 -9.77
CA ASN A 200 0.31 -0.98 -9.48
C ASN A 200 1.02 -1.37 -10.77
N VAL A 201 2.29 -1.00 -10.89
CA VAL A 201 3.12 -1.51 -11.97
C VAL A 201 3.40 -2.99 -11.73
N SER A 202 3.27 -3.80 -12.78
CA SER A 202 3.48 -5.23 -12.66
C SER A 202 4.91 -5.53 -12.24
N SER A 203 5.06 -6.27 -11.14
CA SER A 203 6.39 -6.61 -10.65
C SER A 203 7.04 -7.61 -11.58
N PRO A 204 8.37 -7.55 -11.74
CA PRO A 204 9.05 -8.57 -12.55
C PRO A 204 9.17 -9.90 -11.83
N ASN A 205 8.07 -10.40 -11.27
CA ASN A 205 8.08 -11.60 -10.44
C ASN A 205 7.61 -12.84 -11.18
N THR A 206 6.63 -12.69 -12.07
CA THR A 206 6.02 -13.83 -12.74
C THR A 206 5.29 -13.31 -13.98
N PRO A 207 4.98 -14.19 -14.93
CA PRO A 207 4.17 -13.77 -16.09
C PRO A 207 2.76 -13.35 -15.72
N GLY A 208 2.28 -13.69 -14.53
CA GLY A 208 0.98 -13.27 -14.07
C GLY A 208 0.81 -11.76 -14.12
N LEU A 209 0.07 -11.29 -15.13
CA LEU A 209 -0.12 -9.87 -15.39
C LEU A 209 1.19 -9.17 -15.75
N ARG A 210 2.11 -9.90 -16.38
CA ARG A 210 3.35 -9.33 -16.89
C ARG A 210 3.28 -9.03 -18.39
N SER A 211 2.08 -9.02 -18.96
CA SER A 211 1.91 -8.58 -20.34
C SER A 211 2.14 -7.09 -20.51
N LEU A 212 2.15 -6.34 -19.41
CA LEU A 212 2.41 -4.90 -19.43
C LEU A 212 3.80 -4.56 -18.92
N GLN A 213 4.74 -5.50 -19.03
CA GLN A 213 6.07 -5.35 -18.46
C GLN A 213 7.06 -4.70 -19.43
N THR A 214 6.58 -4.08 -20.50
CA THR A 214 7.45 -3.37 -21.42
C THR A 214 7.15 -1.87 -21.35
N LYS A 215 8.09 -1.08 -21.90
CA LYS A 215 7.99 0.37 -21.78
C LYS A 215 6.78 0.90 -22.54
N GLU A 216 6.46 0.32 -23.70
CA GLU A 216 5.37 0.83 -24.51
C GLU A 216 4.00 0.42 -24.00
N LYS A 217 3.90 -0.76 -23.39
CA LYS A 217 2.63 -1.15 -22.76
C LYS A 217 2.32 -0.25 -21.57
N LEU A 218 3.36 0.18 -20.84
CA LEU A 218 3.14 1.12 -19.74
C LEU A 218 2.71 2.48 -20.28
N ARG A 219 3.36 2.95 -21.34
CA ARG A 219 2.96 4.22 -21.94
C ARG A 219 1.54 4.14 -22.48
N ASP A 220 1.18 3.01 -23.08
CA ASP A 220 -0.19 2.81 -23.55
C ASP A 220 -1.16 2.81 -22.38
N LEU A 221 -0.81 2.14 -21.28
CA LEU A 221 -1.68 2.10 -20.12
C LEU A 221 -1.90 3.50 -19.55
N LEU A 222 -0.82 4.25 -19.35
CA LEU A 222 -0.94 5.60 -18.80
C LEU A 222 -1.71 6.53 -19.73
N SER A 223 -1.58 6.33 -21.04
CA SER A 223 -2.29 7.18 -21.99
C SER A 223 -3.80 6.99 -21.86
N LYS A 224 -4.25 5.73 -21.86
CA LYS A 224 -5.69 5.47 -21.73
C LYS A 224 -6.19 5.88 -20.34
N VAL A 225 -5.39 5.66 -19.30
CA VAL A 225 -5.81 5.99 -17.94
C VAL A 225 -5.97 7.50 -17.80
N LEU A 226 -5.03 8.28 -18.33
CA LEU A 226 -5.14 9.73 -18.23
C LEU A 226 -6.29 10.27 -19.07
N ALA A 227 -6.60 9.62 -20.19
CA ALA A 227 -7.76 10.02 -20.99
C ALA A 227 -9.04 9.82 -20.20
N ALA A 228 -9.19 8.67 -19.54
CA ALA A 228 -10.35 8.44 -18.69
C ALA A 228 -10.38 9.41 -17.51
N ARG A 229 -9.20 9.71 -16.95
CA ARG A 229 -9.14 10.67 -15.85
C ARG A 229 -9.63 12.04 -16.28
N ASN A 230 -9.24 12.48 -17.48
CA ASN A 230 -9.67 13.78 -17.98
C ASN A 230 -11.15 13.83 -18.30
N GLN A 231 -11.80 12.68 -18.48
CA GLN A 231 -13.24 12.65 -18.70
C GLN A 231 -14.04 12.88 -17.42
N LEU A 232 -13.37 13.00 -16.28
CA LEU A 232 -14.04 13.24 -15.01
C LEU A 232 -14.31 14.72 -14.81
N SER A 233 -15.11 15.03 -13.78
CA SER A 233 -15.39 16.42 -13.46
C SER A 233 -14.18 17.09 -12.80
N LYS A 234 -13.41 16.33 -12.03
CA LYS A 234 -12.21 16.83 -11.38
C LYS A 234 -11.01 15.98 -11.79
N LYS A 235 -9.88 16.63 -12.03
CA LYS A 235 -8.64 15.93 -12.39
C LYS A 235 -8.11 15.22 -11.16
N THR A 236 -8.66 14.04 -10.90
CA THR A 236 -8.28 13.27 -9.72
C THR A 236 -6.83 12.82 -9.84
N PRO A 237 -6.02 12.95 -8.78
CA PRO A 237 -4.61 12.54 -8.86
C PRO A 237 -4.46 11.07 -9.20
N ILE A 238 -3.54 10.78 -10.11
CA ILE A 238 -3.23 9.41 -10.53
C ILE A 238 -1.81 9.10 -10.06
N LEU A 239 -1.68 8.07 -9.22
CA LEU A 239 -0.39 7.66 -8.70
C LEU A 239 0.00 6.30 -9.26
N LEU A 240 1.30 6.07 -9.35
CA LEU A 240 1.85 4.83 -9.87
C LEU A 240 2.70 4.17 -8.79
N LYS A 241 2.32 2.96 -8.41
CA LYS A 241 3.02 2.20 -7.37
C LYS A 241 3.90 1.15 -8.02
N ILE A 242 5.19 1.17 -7.71
CA ILE A 242 6.16 0.31 -8.36
C ILE A 242 6.73 -0.66 -7.34
N SER A 243 7.53 -1.61 -7.83
CA SER A 243 8.25 -2.67 -7.14
C SER A 243 9.69 -2.25 -6.89
N PRO A 244 10.27 -2.64 -5.75
CA PRO A 244 11.67 -2.31 -5.48
C PRO A 244 12.68 -3.20 -6.18
N ASP A 245 12.22 -4.19 -6.95
CA ASP A 245 13.10 -5.14 -7.61
C ASP A 245 13.43 -4.76 -9.05
N GLU A 246 12.97 -3.61 -9.51
CA GLU A 246 13.30 -3.16 -10.86
C GLU A 246 14.79 -2.80 -10.94
N ASN A 247 15.42 -3.19 -12.04
CA ASN A 247 16.82 -2.82 -12.24
C ASN A 247 16.91 -1.33 -12.58
N ASP A 248 18.14 -0.84 -12.74
CA ASP A 248 18.34 0.60 -12.94
C ASP A 248 17.68 1.07 -14.24
N GLN A 249 17.83 0.32 -15.32
CA GLN A 249 17.34 0.77 -16.61
C GLN A 249 15.82 0.81 -16.63
N ASN A 250 15.16 -0.26 -16.18
CA ASN A 250 13.70 -0.28 -16.16
C ASN A 250 13.16 0.78 -15.21
N LEU A 251 13.85 1.03 -14.10
CA LEU A 251 13.44 2.09 -13.18
C LEU A 251 13.47 3.45 -13.87
N LYS A 252 14.49 3.70 -14.68
CA LYS A 252 14.56 4.95 -15.43
C LYS A 252 13.46 5.04 -16.48
N ASP A 253 13.13 3.90 -17.11
CA ASP A 253 12.07 3.89 -18.12
C ASP A 253 10.72 4.22 -17.50
N ILE A 254 10.44 3.66 -16.32
CA ILE A 254 9.18 3.95 -15.63
C ILE A 254 9.08 5.43 -15.31
N VAL A 255 10.17 6.01 -14.81
CA VAL A 255 10.17 7.44 -14.47
C VAL A 255 9.99 8.29 -15.72
N GLU A 256 10.63 7.90 -16.82
CA GLU A 256 10.53 8.68 -18.05
C GLU A 256 9.10 8.73 -18.56
N VAL A 257 8.44 7.57 -18.66
CA VAL A 257 7.07 7.53 -19.13
C VAL A 257 6.15 8.28 -18.16
N ALA A 258 6.41 8.16 -16.86
CA ALA A 258 5.58 8.82 -15.86
C ALA A 258 5.71 10.34 -15.91
N LEU A 259 6.79 10.87 -16.47
CA LEU A 259 7.02 12.31 -16.51
C LEU A 259 6.85 12.91 -17.90
N ASP A 260 6.61 12.09 -18.93
CA ASP A 260 6.41 12.63 -20.27
C ASP A 260 5.12 13.44 -20.31
N SER A 261 5.16 14.56 -21.04
CA SER A 261 4.02 15.47 -21.07
C SER A 261 2.76 14.80 -21.59
N LYS A 262 2.90 13.85 -22.50
CA LYS A 262 1.73 13.17 -23.05
C LYS A 262 1.14 12.16 -22.07
N THR A 263 1.95 11.63 -21.14
CA THR A 263 1.49 10.64 -20.16
C THR A 263 2.03 10.99 -18.78
N ARG A 264 1.81 12.23 -18.34
CA ARG A 264 2.33 12.70 -17.07
C ARG A 264 1.35 12.35 -15.95
N ILE A 265 1.83 11.58 -14.97
CA ILE A 265 1.03 11.24 -13.80
C ILE A 265 1.25 12.31 -12.73
N ASP A 266 0.69 12.07 -11.53
CA ASP A 266 0.73 13.06 -10.46
C ASP A 266 1.62 12.68 -9.30
N GLY A 267 2.04 11.42 -9.19
CA GLY A 267 2.88 11.00 -8.09
C GLY A 267 3.16 9.52 -8.19
N MET A 268 4.11 9.07 -7.36
CA MET A 268 4.52 7.68 -7.36
C MET A 268 4.59 7.16 -5.92
N ILE A 269 4.45 5.85 -5.79
CA ILE A 269 4.51 5.17 -4.50
C ILE A 269 5.63 4.15 -4.57
N ILE A 270 6.60 4.27 -3.66
CA ILE A 270 7.78 3.41 -3.62
C ILE A 270 7.91 2.89 -2.20
N SER A 271 7.71 1.58 -2.01
CA SER A 271 7.40 0.65 -3.08
C SER A 271 6.48 -0.46 -2.57
N ASN A 272 6.38 -1.55 -3.33
CA ASN A 272 5.59 -2.71 -2.92
C ASN A 272 6.49 -3.71 -2.20
N THR A 273 6.24 -5.01 -2.38
CA THR A 273 6.97 -6.05 -1.71
C THR A 273 8.08 -6.62 -2.61
N THR A 274 9.03 -7.30 -1.98
CA THR A 274 10.16 -7.92 -2.66
C THR A 274 9.94 -9.42 -2.77
N LEU A 275 10.33 -10.00 -3.90
CA LEU A 275 10.26 -11.44 -4.07
C LEU A 275 11.09 -12.13 -3.00
N THR A 276 10.47 -13.07 -2.29
CA THR A 276 11.14 -13.79 -1.22
C THR A 276 12.02 -14.90 -1.79
N THR A 277 13.16 -15.13 -1.14
CA THR A 277 14.00 -16.25 -1.51
C THR A 277 13.48 -17.54 -0.88
N TYR A 278 14.10 -18.65 -1.25
CA TYR A 278 13.70 -19.94 -0.69
C TYR A 278 14.01 -20.02 0.81
N GLU A 279 15.19 -19.56 1.21
CA GLU A 279 15.56 -19.61 2.62
C GLU A 279 14.67 -18.71 3.47
N GLU A 280 14.32 -17.53 2.94
CA GLU A 280 13.43 -16.63 3.68
C GLU A 280 12.02 -17.19 3.76
N ALA A 281 11.63 -18.03 2.80
CA ALA A 281 10.27 -18.56 2.79
C ALA A 281 10.11 -19.76 3.71
N VAL A 282 11.13 -20.62 3.79
CA VAL A 282 11.04 -21.79 4.66
C VAL A 282 11.11 -21.39 6.13
N ALA A 283 11.65 -20.21 6.44
CA ALA A 283 11.77 -19.79 7.83
C ALA A 283 10.44 -19.37 8.43
N CYS A 284 9.45 -19.06 7.60
CA CYS A 284 8.15 -18.60 8.08
C CYS A 284 6.98 -19.48 7.62
N GLY A 285 7.25 -20.56 6.90
CA GLY A 285 6.21 -21.44 6.43
C GLY A 285 5.70 -21.15 5.04
N ALA A 286 6.23 -20.13 4.36
CA ALA A 286 5.81 -19.84 3.00
C ALA A 286 6.23 -20.91 2.02
N ALA A 287 7.29 -21.67 2.34
CA ALA A 287 7.76 -22.76 1.50
C ALA A 287 7.89 -24.03 2.33
N PRO A 288 7.58 -25.20 1.76
CA PRO A 288 7.13 -25.37 0.38
C PRO A 288 5.64 -25.11 0.19
N ILE A 289 5.20 -25.03 -1.06
CA ILE A 289 3.79 -24.82 -1.39
C ILE A 289 3.13 -26.20 -1.48
N PRO A 290 2.06 -26.46 -0.73
CA PRO A 290 1.42 -27.78 -0.77
C PRO A 290 0.85 -28.11 -2.14
N GLY A 291 1.45 -29.08 -2.82
CA GLY A 291 1.00 -29.46 -4.15
C GLY A 291 1.75 -28.81 -5.28
N ASN A 292 2.96 -28.30 -5.04
CA ASN A 292 3.74 -27.62 -6.07
C ASN A 292 5.19 -28.09 -5.95
N ASN A 293 5.64 -28.90 -6.91
CA ASN A 293 7.00 -29.43 -6.90
C ASN A 293 7.96 -28.65 -7.79
N LYS A 294 7.45 -27.74 -8.62
CA LYS A 294 8.32 -26.95 -9.48
C LYS A 294 9.12 -25.95 -8.67
N GLN A 295 10.33 -25.64 -9.13
CA GLN A 295 11.19 -24.69 -8.45
C GLN A 295 10.97 -23.25 -8.94
N ASN A 296 10.53 -23.08 -10.19
CA ASN A 296 10.23 -21.75 -10.72
C ASN A 296 8.84 -21.32 -10.25
N VAL A 297 8.75 -21.12 -8.93
CA VAL A 297 7.51 -20.73 -8.29
C VAL A 297 7.75 -19.48 -7.45
N VAL A 298 6.72 -18.65 -7.35
CA VAL A 298 6.76 -17.43 -6.55
C VAL A 298 6.17 -17.76 -5.19
N TYR A 299 7.01 -17.76 -4.15
CA TYR A 299 6.53 -18.07 -2.81
C TYR A 299 5.75 -16.91 -2.20
N GLY A 300 6.02 -15.68 -2.61
CA GLY A 300 5.29 -14.54 -2.14
C GLY A 300 6.17 -13.31 -2.11
N GLY A 301 5.63 -12.25 -1.51
CA GLY A 301 6.34 -10.98 -1.35
C GLY A 301 6.68 -10.75 0.11
N LEU A 302 7.88 -10.23 0.34
CA LEU A 302 8.39 -10.00 1.68
C LEU A 302 8.16 -8.55 2.08
N SER A 303 7.38 -8.34 3.13
CA SER A 303 7.16 -7.03 3.70
C SER A 303 7.64 -7.03 5.15
N GLY A 304 7.85 -5.84 5.69
CA GLY A 304 8.32 -5.67 7.04
C GLY A 304 9.71 -5.05 7.09
N ARG A 305 10.33 -5.15 8.27
CA ARG A 305 11.63 -4.53 8.49
C ARG A 305 12.70 -4.95 7.49
N PRO A 306 12.81 -6.21 7.06
CA PRO A 306 13.83 -6.56 6.05
C PRO A 306 13.67 -5.81 4.74
N LEU A 307 12.55 -5.12 4.52
CA LEU A 307 12.31 -4.39 3.29
C LEU A 307 12.78 -2.94 3.35
N PHE A 308 12.96 -2.39 4.55
CA PHE A 308 13.19 -0.94 4.68
C PHE A 308 14.43 -0.50 3.91
N GLU A 309 15.53 -1.25 4.01
CA GLU A 309 16.77 -0.80 3.40
C GLU A 309 16.66 -0.73 1.88
N LYS A 310 16.03 -1.73 1.27
CA LYS A 310 15.92 -1.76 -0.19
C LYS A 310 14.89 -0.75 -0.70
N SER A 311 13.69 -0.76 -0.11
CA SER A 311 12.64 0.14 -0.58
C SER A 311 13.02 1.60 -0.41
N THR A 312 13.84 1.92 0.60
CA THR A 312 14.28 3.30 0.77
C THR A 312 15.29 3.69 -0.29
N ASP A 313 16.26 2.81 -0.57
CA ASP A 313 17.22 3.07 -1.63
C ASP A 313 16.53 3.27 -2.97
N CYS A 314 15.54 2.42 -3.27
CA CYS A 314 14.78 2.59 -4.51
C CYS A 314 14.08 3.94 -4.54
N LEU A 315 13.51 4.35 -3.41
CA LEU A 315 12.88 5.67 -3.31
C LEU A 315 13.91 6.77 -3.57
N ARG A 316 15.09 6.66 -2.95
CA ARG A 316 16.13 7.66 -3.14
C ARG A 316 16.57 7.74 -4.60
N LYS A 317 16.50 6.61 -5.33
CA LYS A 317 16.81 6.64 -6.75
C LYS A 317 15.74 7.37 -7.54
N VAL A 318 14.47 6.99 -7.33
CA VAL A 318 13.37 7.59 -8.08
C VAL A 318 13.30 9.09 -7.84
N SER A 319 13.50 9.51 -6.59
CA SER A 319 13.47 10.93 -6.27
C SER A 319 14.55 11.69 -7.04
N ALA A 320 15.67 11.03 -7.34
CA ALA A 320 16.72 11.68 -8.12
C ALA A 320 16.36 11.72 -9.60
N LEU A 321 15.71 10.67 -10.11
CA LEU A 321 15.35 10.63 -11.52
C LEU A 321 14.23 11.61 -11.85
N THR A 322 13.28 11.79 -10.93
CA THR A 322 12.19 12.74 -11.13
C THR A 322 12.60 14.18 -10.87
N LYS A 323 13.79 14.40 -10.28
CA LYS A 323 14.23 15.74 -9.88
C LYS A 323 13.24 16.41 -8.94
N GLY A 324 12.50 15.61 -8.17
CA GLY A 324 11.52 16.14 -7.24
C GLY A 324 10.32 16.79 -7.88
N ALA A 325 9.97 16.40 -9.11
CA ALA A 325 8.88 17.06 -9.81
C ALA A 325 7.52 16.62 -9.29
N ILE A 326 7.38 15.35 -8.91
CA ILE A 326 6.09 14.83 -8.46
C ILE A 326 6.21 14.32 -7.04
N PRO A 327 5.14 14.39 -6.23
CA PRO A 327 5.21 13.87 -4.87
C PRO A 327 5.43 12.36 -4.86
N LEU A 328 6.09 11.90 -3.79
CA LEU A 328 6.39 10.48 -3.62
C LEU A 328 5.88 10.01 -2.26
N ILE A 329 5.48 8.75 -2.21
CA ILE A 329 4.99 8.12 -0.98
C ILE A 329 5.93 6.97 -0.65
N GLY A 330 6.73 7.14 0.40
CA GLY A 330 7.64 6.10 0.83
C GLY A 330 6.95 5.02 1.65
N VAL A 331 6.97 3.79 1.14
CA VAL A 331 6.32 2.67 1.80
C VAL A 331 7.31 1.52 1.89
N GLY A 332 7.27 0.78 3.00
CA GLY A 332 8.09 -0.41 3.12
C GLY A 332 9.02 -0.43 4.32
N GLY A 333 8.66 -1.22 5.33
CA GLY A 333 9.54 -1.45 6.46
C GLY A 333 9.60 -0.36 7.49
N ILE A 334 8.61 0.54 7.52
CA ILE A 334 8.57 1.60 8.52
C ILE A 334 8.08 0.99 9.83
N SER A 335 8.96 0.95 10.84
CA SER A 335 8.60 0.44 12.15
C SER A 335 8.76 1.45 13.27
N CYS A 336 9.46 2.56 13.05
CA CYS A 336 9.63 3.60 14.05
C CYS A 336 9.68 4.94 13.33
N GLY A 337 10.03 5.99 14.08
CA GLY A 337 9.98 7.33 13.52
C GLY A 337 11.15 7.64 12.60
N GLU A 338 12.34 7.12 12.93
CA GLU A 338 13.52 7.43 12.13
C GLU A 338 13.45 6.75 10.75
N ASP A 339 12.70 5.66 10.64
CA ASP A 339 12.50 5.04 9.33
C ASP A 339 11.68 5.96 8.43
N ALA A 340 10.58 6.50 8.95
CA ALA A 340 9.77 7.41 8.17
C ALA A 340 10.53 8.69 7.85
N LEU A 341 11.35 9.15 8.79
CA LEU A 341 12.15 10.36 8.53
C LEU A 341 13.21 10.09 7.47
N SER A 342 13.76 8.88 7.43
CA SER A 342 14.70 8.53 6.37
C SER A 342 14.04 8.59 5.01
N LYS A 343 12.81 8.08 4.91
CA LYS A 343 12.09 8.13 3.63
C LYS A 343 11.70 9.56 3.27
N LEU A 344 11.25 10.35 4.25
CA LEU A 344 10.88 11.73 3.97
C LEU A 344 12.10 12.55 3.53
N ASN A 345 13.25 12.32 4.15
CA ASN A 345 14.45 13.02 3.73
C ASN A 345 14.96 12.53 2.39
N ALA A 346 14.66 11.27 2.03
CA ALA A 346 15.10 10.72 0.76
C ALA A 346 14.30 11.26 -0.42
N GLY A 347 13.16 11.90 -0.18
CA GLY A 347 12.41 12.50 -1.27
C GLY A 347 10.91 12.25 -1.19
N ALA A 348 10.46 11.57 -0.14
CA ALA A 348 9.05 11.25 0.01
C ALA A 348 8.30 12.39 0.67
N SER A 349 7.07 12.62 0.23
CA SER A 349 6.18 13.58 0.85
C SER A 349 5.16 12.94 1.78
N LEU A 350 4.85 11.66 1.56
CA LEU A 350 3.99 10.88 2.44
C LEU A 350 4.65 9.54 2.71
N VAL A 351 4.19 8.87 3.77
CA VAL A 351 4.70 7.55 4.13
C VAL A 351 3.53 6.65 4.49
N GLN A 352 3.70 5.35 4.23
CA GLN A 352 2.68 4.35 4.52
C GLN A 352 3.34 3.13 5.16
N LEU A 353 2.53 2.34 5.85
CA LEU A 353 3.02 1.14 6.53
C LEU A 353 1.92 0.08 6.49
N TYR A 354 2.29 -1.12 6.91
CA TYR A 354 1.37 -2.25 6.92
C TYR A 354 1.83 -3.29 7.93
N THR A 355 3.03 -3.84 7.74
CA THR A 355 3.49 -4.93 8.57
C THR A 355 3.71 -4.48 10.01
N SER A 356 4.27 -3.29 10.21
CA SER A 356 4.46 -2.79 11.56
C SER A 356 3.13 -2.58 12.28
N PHE A 357 2.05 -2.37 11.53
CA PHE A 357 0.72 -2.33 12.16
C PHE A 357 0.31 -3.70 12.69
N VAL A 358 0.80 -4.77 12.05
CA VAL A 358 0.49 -6.12 12.53
C VAL A 358 1.23 -6.40 13.83
N TYR A 359 2.50 -5.98 13.92
CA TYR A 359 3.34 -6.30 15.06
C TYR A 359 3.31 -5.25 16.16
N GLN A 360 2.74 -4.07 15.90
CA GLN A 360 2.67 -3.02 16.92
C GLN A 360 1.27 -2.53 17.22
N GLY A 361 0.27 -2.89 16.41
CA GLY A 361 -1.10 -2.56 16.71
C GLY A 361 -1.48 -1.13 16.35
N PRO A 362 -2.64 -0.70 16.82
CA PRO A 362 -3.14 0.65 16.49
C PRO A 362 -2.18 1.76 16.88
N PRO A 363 -1.54 1.73 18.06
CA PRO A 363 -0.68 2.86 18.44
C PRO A 363 0.44 3.17 17.45
N VAL A 364 0.75 2.26 16.52
CA VAL A 364 1.84 2.48 15.57
C VAL A 364 1.59 3.73 14.72
N ALA A 365 0.33 4.13 14.56
CA ALA A 365 0.02 5.30 13.74
C ALA A 365 0.56 6.58 14.37
N HIS A 366 0.20 6.83 15.64
CA HIS A 366 0.67 8.02 16.34
C HIS A 366 2.06 7.86 16.92
N LYS A 367 2.49 6.62 17.19
CA LYS A 367 3.84 6.39 17.72
C LYS A 367 4.89 6.98 16.79
N VAL A 368 4.85 6.58 15.50
CA VAL A 368 5.81 7.08 14.53
C VAL A 368 5.73 8.60 14.41
N ALA A 369 4.51 9.14 14.45
CA ALA A 369 4.32 10.57 14.37
C ALA A 369 5.00 11.29 15.53
N ARG A 370 4.83 10.77 16.75
CA ARG A 370 5.49 11.34 17.91
C ARG A 370 7.00 11.37 17.73
N GLU A 371 7.57 10.26 17.28
CA GLU A 371 9.02 10.17 17.14
C GLU A 371 9.55 11.14 16.08
N ILE A 372 8.80 11.30 14.98
CA ILE A 372 9.22 12.26 13.95
C ILE A 372 9.25 13.68 14.53
N ASN A 373 8.21 14.03 15.30
CA ASN A 373 8.15 15.37 15.88
C ASN A 373 9.28 15.59 16.88
N LYS A 374 9.77 14.52 17.51
CA LYS A 374 10.88 14.64 18.45
C LYS A 374 12.22 14.75 17.73
N LEU A 375 12.33 14.17 16.53
CA LEU A 375 13.59 14.21 15.81
C LEU A 375 13.81 15.55 15.09
N LYS A 376 12.73 16.24 14.74
CA LYS A 376 12.86 17.54 14.09
C LYS A 376 13.24 18.65 15.06
N MET A 377 12.94 18.49 16.34
CA MET A 377 13.26 19.49 17.36
C MET A 377 14.68 19.25 17.85
N THR A 378 15.64 19.81 17.14
CA THR A 378 17.05 19.68 17.51
C THR A 378 17.87 20.86 16.99
C1 QLA B . -3.46 -8.75 10.08
O1 QLA B . -3.99 -8.04 9.23
C2 QLA B . -3.94 -8.65 11.49
O2 QLA B . -4.97 -7.83 11.71
C3 QLA B . -3.28 -9.38 12.51
O3 QLA B . -1.80 -11.18 13.03
C4 QLA B . -3.84 -7.85 14.39
C5 QLA B . -3.22 -6.70 13.91
C6 QLA B . -3.49 -5.46 14.46
C7 QLA B . -4.38 -5.40 15.49
C8 QLA B . -5.02 -6.50 16.00
C9 QLA B . -4.74 -7.73 15.44
C10 QLA B . -2.27 -10.43 12.13
C11 QLA B . -1.83 -10.51 10.73
C12 QLA B . -0.82 -11.41 10.40
C13 QLA B . -0.38 -11.50 9.09
C14 QLA B . -0.95 -10.70 8.10
C15 QLA B . -1.95 -9.81 8.43
C16 QLA B . -2.39 -9.71 9.75
F1 QLA B . -4.65 -4.19 16.05
N1 QLA B . -3.56 -9.12 13.80
C1 GOL C . 9.13 -2.53 -16.50
O1 GOL C . 10.24 -3.11 -17.12
C2 GOL C . 8.29 -1.87 -17.62
O2 GOL C . 8.97 -0.83 -18.24
C3 GOL C . 7.01 -1.37 -16.91
O3 GOL C . 6.37 -2.51 -16.40
C1 GOL D . 2.92 -12.42 27.11
O1 GOL D . 4.14 -11.76 26.95
C2 GOL D . 3.22 -13.94 27.02
O2 GOL D . 3.76 -14.29 25.80
C3 GOL D . 1.85 -14.62 27.28
O3 GOL D . 1.44 -14.22 28.55
C1 GOL E . 7.52 -17.34 12.77
O1 GOL E . 6.35 -16.64 13.07
C2 GOL E . 7.12 -18.57 11.92
O2 GOL E . 8.21 -19.36 11.60
C3 GOL E . 6.07 -19.32 12.77
O3 GOL E . 5.73 -20.47 12.05
C1 GOL F . 2.85 -6.94 -7.11
O1 GOL F . 1.64 -7.51 -6.68
C2 GOL F . 2.56 -5.45 -7.42
O2 GOL F . 1.72 -5.29 -8.51
C3 GOL F . 3.96 -4.82 -7.65
O3 GOL F . 3.77 -3.43 -7.70
N1 FMN G . -0.13 -3.52 -2.05
C2 FMN G . -1.00 -3.13 -3.04
O2 FMN G . -0.71 -2.20 -3.79
N3 FMN G . -2.22 -3.78 -3.20
C4 FMN G . -2.55 -4.82 -2.35
O4 FMN G . -3.62 -5.39 -2.49
C4A FMN G . -1.68 -5.22 -1.35
N5 FMN G . -2.01 -6.25 -0.51
C5A FMN G . -1.13 -6.64 0.48
C6 FMN G . -1.48 -7.69 1.33
C7 FMN G . -0.60 -8.09 2.33
C7M FMN G . -0.97 -9.22 3.24
C8 FMN G . 0.62 -7.43 2.49
C8M FMN G . 1.56 -7.86 3.57
C9 FMN G . 0.96 -6.39 1.64
C9A FMN G . 0.09 -5.98 0.64
N10 FMN G . 0.42 -4.94 -0.21
C10 FMN G . -0.46 -4.56 -1.20
C1' FMN G . 1.73 -4.22 -0.07
C2' FMN G . 1.60 -3.08 0.93
O2' FMN G . 0.54 -2.22 0.54
C3' FMN G . 2.89 -2.26 0.98
O3' FMN G . 3.26 -1.88 -0.33
C4' FMN G . 4.03 -3.04 1.62
O4' FMN G . 3.54 -4.05 2.47
C5' FMN G . 4.88 -2.06 2.43
O5' FMN G . 5.79 -2.75 3.25
P FMN G . 5.62 -2.64 4.85
O1P FMN G . 6.76 -3.40 5.49
O2P FMN G . 5.65 -1.19 5.28
O3P FMN G . 4.32 -3.27 5.24
#